data_4EXV
#
_entry.id   4EXV
#
_cell.length_a   157.236
_cell.length_b   157.236
_cell.length_c   157.236
_cell.angle_alpha   90.00
_cell.angle_beta   90.00
_cell.angle_gamma   90.00
#
_symmetry.space_group_name_H-M   'P 41 3 2'
#
loop_
_entity.id
_entity.type
_entity.pdbx_description
1 polymer 'SVP1-like protein 2'
2 non-polymer 'SULFATE ION'
#
_entity_poly.entity_id   1
_entity_poly.type   'polypeptide(L)'
_entity_poly.pdbx_seq_one_letter_code
;MLTRNPIVPENHVSNPIVDYEFNQDQSCLIVSTPKSFDIYNVHPLKRIMSQEMPDAGTIRMLHRTNYIAFVSTKKELLHI
WDDVKKQDITRVKLDAAVKDLFLSREFIVVSQGDVISIFKFGNPWNKITEDIKFGGVCEFANGLLVYSNEFNLGQIHVTR
LQTDAEQVVGKGVLVKAHANPVKMVRLNRKGDMVATCSQDGTLIRVFQTDNGVLVREFRRGLDRTSIIDMRWSPDGSKLA
VVSDKWTLHVFEVFNDAENKRHVLKDWINIKYFQSEWSICNFKLKVSKGSNDCKIAWISDTGLVIVWPNRRLADTFKLNY
NDDEHVWWLQLNQRNEIPL
;
_entity_poly.pdbx_strand_id   A
#
loop_
_chem_comp.id
_chem_comp.type
_chem_comp.name
_chem_comp.formula
SO4 non-polymer 'SULFATE ION' 'O4 S -2'
#
# COMPACT_ATOMS: atom_id res chain seq x y z
N ASN A 15 -17.21 -17.66 5.54
CA ASN A 15 -17.81 -17.27 4.26
C ASN A 15 -17.47 -15.85 3.79
N PRO A 16 -17.78 -14.82 4.61
CA PRO A 16 -17.46 -13.43 4.26
C PRO A 16 -15.98 -13.10 4.50
N ILE A 17 -15.55 -11.93 4.04
CA ILE A 17 -14.13 -11.62 4.05
C ILE A 17 -13.84 -10.47 5.01
N VAL A 18 -12.94 -10.72 5.95
CA VAL A 18 -12.74 -9.85 7.11
C VAL A 18 -11.66 -8.79 6.86
N ASP A 19 -10.46 -9.25 6.53
CA ASP A 19 -9.43 -8.34 6.06
C ASP A 19 -8.75 -8.92 4.83
N TYR A 20 -7.99 -8.08 4.15
CA TYR A 20 -7.33 -8.50 2.94
C TYR A 20 -6.17 -7.58 2.63
N GLU A 21 -5.09 -8.15 2.12
CA GLU A 21 -3.93 -7.35 1.79
C GLU A 21 -3.07 -8.02 0.74
N PHE A 22 -2.18 -7.26 0.10
CA PHE A 22 -1.32 -7.84 -0.92
C PHE A 22 0.05 -8.18 -0.37
N ASN A 23 0.69 -9.10 -1.09
CA ASN A 23 2.12 -9.21 -1.11
C ASN A 23 2.77 -7.85 -1.17
N GLN A 24 4.00 -7.78 -0.67
CA GLN A 24 4.85 -6.61 -0.90
C GLN A 24 5.04 -6.48 -2.41
N ASP A 25 4.92 -7.61 -3.06
CA ASP A 25 5.15 -7.77 -4.48
C ASP A 25 3.90 -7.50 -5.29
N GLN A 26 2.75 -7.71 -4.65
CA GLN A 26 1.45 -7.88 -5.32
C GLN A 26 1.36 -9.16 -6.12
N SER A 27 2.29 -10.09 -5.88
CA SER A 27 2.17 -11.41 -6.52
C SER A 27 0.98 -12.15 -5.93
N CYS A 28 0.73 -11.91 -4.63
CA CYS A 28 -0.32 -12.63 -3.93
C CYS A 28 -1.24 -11.73 -3.14
N LEU A 29 -2.44 -12.23 -2.93
CA LEU A 29 -3.40 -11.61 -2.03
C LEU A 29 -3.82 -12.55 -0.90
N ILE A 30 -3.68 -12.11 0.34
CA ILE A 30 -4.15 -12.89 1.48
C ILE A 30 -5.45 -12.31 2.06
N VAL A 31 -6.37 -13.18 2.47
CA VAL A 31 -7.59 -12.73 3.15
C VAL A 31 -7.89 -13.56 4.39
N SER A 32 -8.68 -12.97 5.27
CA SER A 32 -9.20 -13.70 6.40
C SER A 32 -10.72 -13.64 6.36
N THR A 33 -11.32 -14.81 6.55
CA THR A 33 -12.73 -14.94 6.82
C THR A 33 -12.86 -15.25 8.31
N PRO A 34 -14.08 -15.47 8.79
CA PRO A 34 -14.27 -15.88 10.18
C PRO A 34 -13.68 -17.26 10.47
N LYS A 35 -13.71 -18.14 9.47
CA LYS A 35 -13.27 -19.52 9.62
C LYS A 35 -11.81 -19.73 9.24
N SER A 36 -11.24 -18.82 8.46
CA SER A 36 -9.98 -19.13 7.79
C SER A 36 -9.16 -17.92 7.42
N PHE A 37 -7.92 -18.16 7.00
CA PHE A 37 -7.19 -17.22 6.14
C PHE A 37 -6.70 -17.96 4.86
N ASP A 38 -6.96 -17.36 3.70
CA ASP A 38 -6.59 -17.96 2.43
C ASP A 38 -5.60 -17.08 1.69
N ILE A 39 -4.77 -17.66 0.82
CA ILE A 39 -3.82 -16.90 0.03
C ILE A 39 -3.94 -17.25 -1.45
N TYR A 40 -4.06 -16.22 -2.29
CA TYR A 40 -4.21 -16.43 -3.73
C TYR A 40 -3.03 -15.89 -4.55
N ASN A 41 -2.89 -16.46 -5.73
CA ASN A 41 -2.21 -15.82 -6.84
C ASN A 41 -3.09 -14.70 -7.32
N VAL A 42 -2.49 -13.58 -7.71
CA VAL A 42 -3.28 -12.47 -8.26
C VAL A 42 -3.52 -12.60 -9.78
N HIS A 43 -2.46 -12.92 -10.52
CA HIS A 43 -2.56 -13.15 -11.95
C HIS A 43 -1.90 -14.46 -12.41
N PRO A 44 -2.72 -15.43 -12.83
CA PRO A 44 -4.17 -15.25 -12.76
C PRO A 44 -4.72 -15.81 -11.45
N LEU A 45 -5.99 -15.52 -11.20
CA LEU A 45 -6.61 -15.83 -9.92
C LEU A 45 -6.93 -17.30 -9.73
N LYS A 46 -6.06 -18.03 -9.05
CA LYS A 46 -6.42 -19.29 -8.41
C LYS A 46 -5.87 -19.28 -7.00
N ARG A 47 -6.54 -19.94 -6.06
CA ARG A 47 -6.03 -19.98 -4.69
C ARG A 47 -4.87 -20.92 -4.49
N ILE A 48 -3.93 -20.52 -3.63
CA ILE A 48 -2.74 -21.33 -3.41
C ILE A 48 -2.89 -22.20 -2.16
N MET A 49 -3.51 -21.63 -1.14
CA MET A 49 -3.40 -22.19 0.19
C MET A 49 -4.58 -21.79 1.05
N SER A 50 -4.96 -22.68 1.95
CA SER A 50 -6.06 -22.41 2.85
C SER A 50 -5.76 -23.03 4.20
N GLN A 51 -5.97 -22.25 5.24
CA GLN A 51 -5.64 -22.62 6.60
C GLN A 51 -6.79 -22.20 7.50
N GLU A 52 -7.42 -23.16 8.15
CA GLU A 52 -8.59 -22.84 8.97
C GLU A 52 -8.16 -22.18 10.25
N MET A 53 -8.86 -21.10 10.62
CA MET A 53 -8.58 -20.35 11.84
C MET A 53 -9.67 -19.39 12.30
N PRO A 54 -10.03 -19.50 13.58
CA PRO A 54 -10.95 -18.62 14.30
C PRO A 54 -10.28 -17.29 14.63
N ASP A 55 -11.03 -16.20 14.56
CA ASP A 55 -10.52 -14.93 15.08
C ASP A 55 -9.41 -14.31 14.23
N ALA A 56 -9.21 -14.83 13.02
CA ALA A 56 -8.24 -14.21 12.13
C ALA A 56 -8.81 -12.86 11.73
N GLY A 57 -8.06 -11.79 11.98
CA GLY A 57 -8.58 -10.46 11.72
C GLY A 57 -7.76 -9.70 10.69
N THR A 58 -7.09 -8.67 11.16
CA THR A 58 -6.05 -8.03 10.39
C THR A 58 -5.03 -9.12 10.00
N ILE A 59 -4.73 -9.22 8.71
CA ILE A 59 -3.97 -10.35 8.16
C ILE A 59 -2.86 -9.82 7.22
N ARG A 60 -1.63 -10.32 7.38
CA ARG A 60 -0.52 -9.88 6.51
C ARG A 60 0.40 -11.05 6.10
N MET A 61 1.05 -10.93 4.93
CA MET A 61 2.11 -11.91 4.61
C MET A 61 3.50 -11.30 4.42
N LEU A 62 4.47 -12.16 4.18
CA LEU A 62 5.85 -11.72 4.04
C LEU A 62 6.44 -12.29 2.76
N HIS A 63 6.33 -11.53 1.67
CA HIS A 63 6.77 -11.98 0.36
C HIS A 63 6.05 -13.28 0.03
N ARG A 64 6.78 -14.35 -0.23
CA ARG A 64 6.14 -15.65 -0.38
C ARG A 64 6.73 -16.64 0.61
N THR A 65 7.38 -16.09 1.64
CA THR A 65 8.00 -16.89 2.69
C THR A 65 6.95 -17.66 3.48
N ASN A 66 7.42 -18.54 4.36
CA ASN A 66 6.53 -19.35 5.17
C ASN A 66 5.85 -18.60 6.33
N TYR A 67 6.10 -17.28 6.46
CA TYR A 67 5.58 -16.53 7.61
C TYR A 67 4.40 -15.63 7.31
N ILE A 68 3.44 -15.66 8.24
CA ILE A 68 2.20 -14.91 8.17
C ILE A 68 1.94 -14.33 9.54
N ALA A 69 1.35 -13.15 9.58
CA ALA A 69 0.98 -12.54 10.84
C ALA A 69 -0.51 -12.24 10.81
N PHE A 70 -1.17 -12.34 11.97
CA PHE A 70 -2.57 -11.91 12.11
C PHE A 70 -2.96 -11.50 13.53
N VAL A 71 -4.02 -10.71 13.64
CA VAL A 71 -4.51 -10.29 14.95
C VAL A 71 -5.71 -11.13 15.38
N SER A 72 -5.58 -11.75 16.54
CA SER A 72 -6.69 -12.47 17.15
C SER A 72 -7.78 -11.48 17.56
N THR A 73 -9.03 -11.93 17.47
CA THR A 73 -10.16 -11.08 17.79
C THR A 73 -11.14 -11.81 18.72
N GLU A 76 -7.08 -10.26 21.82
CA GLU A 76 -6.35 -9.15 21.21
C GLU A 76 -4.81 -9.20 21.42
N LEU A 77 -4.17 -10.03 20.60
CA LEU A 77 -2.72 -10.06 20.51
C LEU A 77 -2.29 -10.46 19.09
N LEU A 78 -0.99 -10.54 18.87
CA LEU A 78 -0.46 -10.71 17.53
C LEU A 78 0.16 -12.09 17.31
N HIS A 79 -0.49 -12.92 16.52
CA HIS A 79 0.06 -14.24 16.17
C HIS A 79 1.03 -14.18 15.00
N ILE A 80 2.24 -14.70 15.22
CA ILE A 80 3.19 -14.94 14.14
C ILE A 80 3.23 -16.43 13.80
N TRP A 81 2.65 -16.74 12.65
CA TRP A 81 2.43 -18.10 12.20
C TRP A 81 3.59 -18.59 11.33
N ASP A 82 3.99 -19.83 11.53
CA ASP A 82 4.97 -20.48 10.65
C ASP A 82 4.26 -21.63 9.97
N ASP A 83 4.13 -21.54 8.65
CA ASP A 83 3.21 -22.41 7.94
C ASP A 83 3.86 -23.76 7.63
N VAL A 84 5.17 -23.84 7.86
CA VAL A 84 5.88 -25.12 7.75
C VAL A 84 5.38 -26.08 8.83
N LYS A 85 5.70 -25.75 10.08
CA LYS A 85 5.32 -26.57 11.22
C LYS A 85 3.95 -26.23 11.83
N LYS A 86 3.27 -25.24 11.24
CA LYS A 86 1.88 -24.96 11.56
C LYS A 86 1.67 -24.52 13.00
N GLN A 87 2.33 -23.46 13.42
CA GLN A 87 2.20 -23.04 14.80
C GLN A 87 2.62 -21.59 14.96
N ASP A 88 2.13 -20.92 15.99
CA ASP A 88 2.68 -19.63 16.34
C ASP A 88 4.11 -19.84 16.77
N ILE A 89 5.01 -18.99 16.28
CA ILE A 89 6.36 -18.98 16.81
C ILE A 89 6.45 -17.87 17.84
N THR A 90 5.44 -17.01 17.86
CA THR A 90 5.29 -16.09 18.95
C THR A 90 3.91 -15.48 18.94
N ARG A 91 3.46 -15.06 20.12
CA ARG A 91 2.32 -14.19 20.26
C ARG A 91 2.87 -12.89 20.87
N VAL A 92 2.33 -11.74 20.50
CA VAL A 92 2.84 -10.46 20.98
C VAL A 92 1.69 -9.63 21.53
N LYS A 93 1.80 -9.25 22.80
CA LYS A 93 0.69 -8.64 23.53
C LYS A 93 0.42 -7.22 23.04
N LEU A 94 -0.84 -6.94 22.72
CA LEU A 94 -1.18 -5.64 22.17
C LEU A 94 -2.02 -4.76 23.10
N ASP A 95 -1.66 -3.48 23.15
CA ASP A 95 -2.24 -2.53 24.09
C ASP A 95 -3.54 -1.93 23.59
N ALA A 96 -3.74 -1.93 22.28
CA ALA A 96 -4.89 -1.23 21.71
C ALA A 96 -5.38 -1.90 20.45
N ALA A 97 -6.48 -1.39 19.92
CA ALA A 97 -7.01 -1.86 18.64
C ALA A 97 -6.02 -1.55 17.51
N VAL A 98 -5.95 -2.46 16.54
CA VAL A 98 -4.97 -2.39 15.46
C VAL A 98 -5.51 -1.81 14.15
N LYS A 99 -4.73 -0.93 13.52
CA LYS A 99 -5.12 -0.29 12.25
C LYS A 99 -4.25 -0.78 11.08
N ASP A 100 -2.95 -0.77 11.27
CA ASP A 100 -2.03 -1.09 10.19
C ASP A 100 -0.98 -2.05 10.68
N LEU A 101 -0.43 -2.83 9.76
CA LEU A 101 0.50 -3.88 10.12
C LEU A 101 1.43 -4.15 8.95
N PHE A 102 2.73 -4.15 9.22
CA PHE A 102 3.73 -4.33 8.17
C PHE A 102 4.84 -5.31 8.59
N LEU A 103 5.22 -6.21 7.70
CA LEU A 103 6.32 -7.12 7.99
C LEU A 103 7.54 -6.88 7.12
N SER A 104 8.71 -6.92 7.75
CA SER A 104 9.96 -6.94 7.02
C SER A 104 10.77 -8.07 7.63
N ARG A 105 11.85 -8.49 7.00
CA ARG A 105 12.61 -9.63 7.50
C ARG A 105 13.34 -9.32 8.80
N GLU A 106 13.19 -8.09 9.29
CA GLU A 106 13.77 -7.71 10.56
C GLU A 106 12.94 -6.73 11.40
N PHE A 107 11.73 -6.39 10.96
CA PHE A 107 10.82 -5.59 11.78
C PHE A 107 9.38 -6.03 11.64
N ILE A 108 8.64 -6.00 12.73
CA ILE A 108 7.18 -6.01 12.70
C ILE A 108 6.71 -4.63 13.09
N VAL A 109 5.90 -4.00 12.25
CA VAL A 109 5.48 -2.63 12.51
C VAL A 109 3.97 -2.57 12.66
N VAL A 110 3.53 -2.01 13.79
CA VAL A 110 2.13 -2.05 14.17
C VAL A 110 1.63 -0.68 14.61
N SER A 111 0.54 -0.23 14.00
CA SER A 111 -0.15 0.93 14.52
C SER A 111 -1.34 0.46 15.35
N GLN A 112 -1.28 0.76 16.65
CA GLN A 112 -2.37 0.47 17.59
C GLN A 112 -2.75 1.77 18.30
N GLY A 113 -4.05 2.00 18.50
CA GLY A 113 -4.51 3.25 19.07
C GLY A 113 -3.93 4.45 18.34
N ASP A 114 -3.12 5.22 19.05
CA ASP A 114 -2.57 6.46 18.51
C ASP A 114 -1.05 6.39 18.52
N VAL A 115 -0.52 5.21 18.30
CA VAL A 115 0.90 5.00 18.48
C VAL A 115 1.39 3.93 17.52
N ILE A 116 2.64 4.05 17.08
CA ILE A 116 3.21 3.05 16.20
C ILE A 116 4.29 2.29 16.97
N SER A 117 4.13 0.97 17.06
CA SER A 117 5.12 0.15 17.73
C SER A 117 5.91 -0.67 16.74
N ILE A 118 7.18 -0.91 17.09
CA ILE A 118 8.11 -1.59 16.21
C ILE A 118 8.88 -2.66 16.96
N PHE A 119 8.65 -3.92 16.59
CA PHE A 119 9.27 -5.05 17.26
C PHE A 119 10.38 -5.67 16.41
N LYS A 120 11.23 -6.46 17.04
CA LYS A 120 12.26 -7.19 16.33
C LYS A 120 11.64 -8.45 15.74
N PHE A 121 11.94 -8.70 14.46
CA PHE A 121 11.45 -9.91 13.83
C PHE A 121 12.44 -11.04 14.06
N GLY A 122 12.06 -11.97 14.94
CA GLY A 122 12.91 -13.06 15.36
C GLY A 122 13.35 -12.86 16.81
N ASN A 123 14.29 -13.71 17.26
CA ASN A 123 15.11 -13.37 18.43
C ASN A 123 14.34 -13.57 19.74
N PRO A 124 14.20 -12.50 20.56
CA PRO A 124 13.14 -12.51 21.57
C PRO A 124 11.93 -11.68 21.13
N TRP A 125 11.91 -11.21 19.89
CA TRP A 125 10.82 -10.38 19.36
C TRP A 125 10.52 -9.19 20.26
N ASN A 126 11.55 -8.53 20.77
CA ASN A 126 11.35 -7.45 21.73
C ASN A 126 10.88 -6.16 21.07
N LYS A 127 10.66 -5.12 21.86
CA LYS A 127 10.23 -3.83 21.31
C LYS A 127 11.43 -2.89 21.12
N ILE A 128 11.90 -2.75 19.88
CA ILE A 128 13.24 -2.21 19.57
C ILE A 128 13.45 -0.67 19.74
N THR A 129 12.36 0.09 19.86
CA THR A 129 12.42 1.50 20.28
C THR A 129 11.06 1.91 20.81
N GLU A 130 10.96 3.17 21.23
CA GLU A 130 9.80 3.66 21.98
C GLU A 130 8.58 3.84 21.11
N ASP A 131 7.42 3.40 21.61
CA ASP A 131 6.13 3.65 20.95
C ASP A 131 6.12 5.05 20.34
N ILE A 132 5.52 5.22 19.17
CA ILE A 132 5.56 6.50 18.48
C ILE A 132 4.20 7.14 18.34
N LYS A 133 4.04 8.32 18.95
CA LYS A 133 2.82 9.06 18.76
C LYS A 133 2.79 9.56 17.31
N PHE A 134 1.66 9.31 16.66
CA PHE A 134 1.46 9.67 15.26
C PHE A 134 -0.02 9.96 14.99
N GLY A 135 -0.28 10.72 13.92
CA GLY A 135 -1.61 11.22 13.63
C GLY A 135 -2.54 10.22 12.95
N GLY A 136 -2.12 8.97 12.91
CA GLY A 136 -3.00 7.89 12.46
C GLY A 136 -2.91 7.48 10.99
N VAL A 137 -1.79 7.81 10.36
CA VAL A 137 -1.56 7.49 8.95
C VAL A 137 -0.12 7.08 8.77
N CYS A 138 0.11 5.87 8.28
CA CYS A 138 1.47 5.39 8.18
C CYS A 138 1.68 4.26 7.18
N GLU A 139 2.90 4.19 6.66
CA GLU A 139 3.31 3.10 5.78
C GLU A 139 4.70 2.64 6.12
N PHE A 140 4.96 1.36 5.97
CA PHE A 140 6.34 0.87 6.08
C PHE A 140 6.66 -0.02 4.90
N ALA A 141 7.79 0.26 4.26
CA ALA A 141 8.14 -0.48 3.06
C ALA A 141 9.64 -0.46 2.81
N ASN A 142 10.22 -1.65 2.83
CA ASN A 142 11.60 -1.81 2.42
C ASN A 142 12.53 -0.92 3.25
N GLY A 143 12.22 -0.77 4.54
CA GLY A 143 13.11 -0.12 5.48
C GLY A 143 12.79 1.35 5.70
N LEU A 144 11.61 1.76 5.26
CA LEU A 144 11.25 3.17 5.36
C LEU A 144 9.91 3.39 6.01
N LEU A 145 9.88 4.32 6.96
CA LEU A 145 8.66 4.60 7.71
C LEU A 145 8.13 6.00 7.42
N VAL A 146 6.85 6.09 7.09
CA VAL A 146 6.19 7.38 6.86
C VAL A 146 4.98 7.48 7.79
N TYR A 147 4.86 8.60 8.50
CA TYR A 147 3.68 8.81 9.35
C TYR A 147 3.31 10.27 9.56
N SER A 148 2.01 10.53 9.67
CA SER A 148 1.60 11.90 9.88
C SER A 148 1.98 12.37 11.28
N ASN A 149 2.06 13.69 11.43
CA ASN A 149 2.38 14.31 12.71
C ASN A 149 1.24 14.15 13.71
N GLU A 150 1.61 13.99 14.99
CA GLU A 150 0.66 13.83 16.08
C GLU A 150 -0.32 15.00 16.14
N PHE A 151 0.13 16.18 15.73
CA PHE A 151 -0.62 17.42 15.93
C PHE A 151 -1.04 18.12 14.64
N ASN A 152 -0.10 18.30 13.72
CA ASN A 152 -0.43 18.80 12.38
C ASN A 152 -0.56 17.66 11.38
N LEU A 153 -1.80 17.29 11.12
CA LEU A 153 -2.13 16.06 10.40
C LEU A 153 -1.89 16.13 8.90
N GLY A 154 -1.43 17.29 8.42
CA GLY A 154 -1.09 17.48 7.02
C GLY A 154 0.42 17.44 6.90
N GLN A 155 1.08 17.15 8.01
CA GLN A 155 2.51 16.97 8.01
C GLN A 155 2.86 15.49 8.06
N ILE A 156 4.11 15.16 7.79
CA ILE A 156 4.51 13.79 7.49
C ILE A 156 5.95 13.55 7.94
N HIS A 157 6.19 12.40 8.54
CA HIS A 157 7.53 12.04 8.92
C HIS A 157 8.05 10.94 8.03
N VAL A 158 9.33 11.02 7.72
CA VAL A 158 9.95 10.02 6.86
C VAL A 158 11.30 9.69 7.44
N THR A 159 11.51 8.41 7.75
CA THR A 159 12.80 7.99 8.28
C THR A 159 13.11 6.51 7.97
N ARG A 160 14.39 6.22 7.77
CA ARG A 160 14.84 4.86 7.52
C ARG A 160 15.05 4.16 8.85
N LEU A 161 14.77 2.87 8.92
CA LEU A 161 15.11 2.10 10.10
C LEU A 161 16.45 1.39 9.92
N GLN A 162 17.23 1.33 10.98
CA GLN A 162 18.47 0.57 10.95
C GLN A 162 18.65 -0.35 12.16
N THR A 163 18.90 -1.61 11.89
CA THR A 163 19.66 -2.44 12.82
C THR A 163 21.06 -1.83 12.82
N ASP A 164 21.95 -2.28 13.70
CA ASP A 164 23.20 -1.54 13.98
C ASP A 164 22.90 -0.05 14.17
N ALA A 165 22.38 0.28 15.35
CA ALA A 165 21.78 1.58 15.59
C ALA A 165 22.41 2.28 16.80
N GLU A 166 22.49 3.62 16.78
CA GLU A 166 21.83 4.51 15.82
C GLU A 166 20.30 4.32 15.90
N GLN A 167 19.78 4.04 17.09
CA GLN A 167 18.46 3.41 17.26
C GLN A 167 17.32 3.95 16.39
N GLY A 172 15.18 11.45 11.68
CA GLY A 172 14.57 11.40 10.36
C GLY A 172 14.31 12.75 9.67
N VAL A 173 13.24 12.83 8.86
CA VAL A 173 12.87 14.06 8.11
C VAL A 173 11.37 14.41 8.23
N LEU A 174 11.05 15.70 8.20
CA LEU A 174 9.66 16.15 8.47
C LEU A 174 9.08 17.09 7.42
N VAL A 175 8.03 16.63 6.75
CA VAL A 175 7.52 17.32 5.56
C VAL A 175 6.14 17.94 5.73
N LYS A 176 6.04 19.23 5.43
CA LYS A 176 4.74 19.87 5.37
C LYS A 176 4.13 19.52 4.01
N ALA A 177 3.19 18.59 3.98
CA ALA A 177 2.76 18.01 2.72
C ALA A 177 1.42 18.52 2.19
N HIS A 178 0.44 18.67 3.07
CA HIS A 178 -0.87 19.16 2.65
C HIS A 178 -1.41 20.19 3.63
N ALA A 179 -2.30 21.05 3.15
CA ALA A 179 -2.94 22.03 4.04
C ALA A 179 -3.92 21.27 4.95
N ASN A 180 -4.96 20.72 4.34
CA ASN A 180 -5.83 19.78 5.04
C ASN A 180 -5.07 18.53 5.51
N PRO A 181 -5.70 17.72 6.37
CA PRO A 181 -4.98 16.58 6.92
C PRO A 181 -4.85 15.40 5.93
N VAL A 182 -3.71 14.72 6.02
CA VAL A 182 -3.37 13.63 5.13
C VAL A 182 -4.43 12.52 5.18
N LYS A 183 -4.83 12.04 4.01
CA LYS A 183 -5.79 10.93 3.94
C LYS A 183 -5.05 9.58 3.95
N MET A 184 -4.20 9.39 2.94
CA MET A 184 -3.29 8.25 2.91
C MET A 184 -1.96 8.58 2.26
N VAL A 185 -1.14 7.56 2.09
CA VAL A 185 0.27 7.72 1.81
C VAL A 185 0.79 6.39 1.27
N ARG A 186 1.65 6.44 0.25
CA ARG A 186 1.99 5.21 -0.47
C ARG A 186 3.39 5.23 -1.05
N LEU A 187 4.25 4.36 -0.54
CA LEU A 187 5.61 4.28 -1.03
C LEU A 187 5.65 3.50 -2.34
N ASN A 188 6.70 3.72 -3.12
CA ASN A 188 6.88 2.92 -4.32
C ASN A 188 7.87 1.81 -4.02
N ARG A 189 7.88 0.77 -4.86
CA ARG A 189 8.68 -0.43 -4.59
C ARG A 189 10.11 -0.26 -4.06
N LYS A 190 10.96 0.47 -4.78
CA LYS A 190 12.36 0.71 -4.34
C LYS A 190 12.41 1.44 -2.99
N GLY A 191 11.50 2.39 -2.80
CA GLY A 191 11.42 3.13 -1.56
C GLY A 191 11.68 4.62 -1.69
N ASP A 192 12.24 5.04 -2.83
CA ASP A 192 12.69 6.44 -3.00
C ASP A 192 11.60 7.49 -3.18
N MET A 193 10.36 7.07 -3.40
CA MET A 193 9.31 8.04 -3.61
C MET A 193 8.08 7.69 -2.78
N VAL A 194 7.47 8.71 -2.21
CA VAL A 194 6.19 8.48 -1.53
C VAL A 194 5.10 9.39 -2.12
N ALA A 195 3.92 8.81 -2.35
CA ALA A 195 2.79 9.58 -2.82
C ALA A 195 1.92 9.97 -1.65
N THR A 196 1.35 11.17 -1.72
CA THR A 196 0.51 11.66 -0.64
C THR A 196 -0.80 12.18 -1.22
N CYS A 197 -1.82 12.28 -0.37
CA CYS A 197 -3.05 12.99 -0.71
C CYS A 197 -3.73 13.39 0.57
N SER A 198 -4.76 14.20 0.46
CA SER A 198 -5.45 14.64 1.65
C SER A 198 -6.93 14.34 1.57
N GLN A 199 -7.65 14.77 2.58
CA GLN A 199 -9.08 14.53 2.67
C GLN A 199 -9.79 15.33 1.60
N ASP A 200 -9.04 16.22 0.96
CA ASP A 200 -9.53 16.96 -0.20
C ASP A 200 -9.64 16.04 -1.43
N GLY A 201 -8.64 15.18 -1.61
CA GLY A 201 -8.60 14.24 -2.71
C GLY A 201 -8.48 14.91 -4.06
N THR A 202 -7.83 16.07 -4.10
CA THR A 202 -7.76 16.84 -5.33
C THR A 202 -6.34 16.84 -5.85
N LEU A 203 -5.43 17.30 -5.02
CA LEU A 203 -4.02 17.31 -5.35
C LEU A 203 -3.35 16.02 -4.85
N ILE A 204 -2.60 15.38 -5.73
CA ILE A 204 -1.77 14.23 -5.34
C ILE A 204 -0.31 14.59 -5.54
N ARG A 205 0.49 14.37 -4.50
CA ARG A 205 1.87 14.81 -4.49
C ARG A 205 2.86 13.67 -4.25
N VAL A 206 4.09 13.88 -4.70
CA VAL A 206 5.10 12.85 -4.68
C VAL A 206 6.38 13.45 -4.10
N PHE A 207 7.03 12.75 -3.16
CA PHE A 207 8.23 13.28 -2.52
C PHE A 207 9.38 12.33 -2.55
N GLN A 208 10.57 12.90 -2.75
CA GLN A 208 11.79 12.13 -2.65
C GLN A 208 11.97 11.82 -1.17
N THR A 209 12.21 10.55 -0.87
CA THR A 209 12.26 10.14 0.53
C THR A 209 13.62 10.37 1.19
N ASP A 210 14.65 10.59 0.38
CA ASP A 210 15.96 10.97 0.90
C ASP A 210 15.86 12.25 1.71
N ASN A 211 14.90 13.12 1.34
CA ASN A 211 14.92 14.49 1.84
C ASN A 211 13.59 15.22 1.88
N GLY A 212 12.51 14.55 1.47
CA GLY A 212 11.19 15.11 1.62
C GLY A 212 10.86 16.22 0.66
N VAL A 213 11.66 16.31 -0.40
CA VAL A 213 11.49 17.35 -1.41
C VAL A 213 10.39 16.97 -2.39
N LEU A 214 9.46 17.90 -2.60
CA LEU A 214 8.36 17.70 -3.54
C LEU A 214 8.91 17.45 -4.94
N VAL A 215 8.49 16.35 -5.54
CA VAL A 215 9.03 15.97 -6.83
C VAL A 215 8.07 16.27 -7.99
N ARG A 216 6.77 16.32 -7.71
CA ARG A 216 5.79 16.31 -8.79
C ARG A 216 4.40 16.37 -8.19
N GLU A 217 3.51 17.12 -8.83
CA GLU A 217 2.17 17.33 -8.31
C GLU A 217 1.12 17.05 -9.40
N PHE A 218 -0.01 16.49 -9.01
CA PHE A 218 -1.01 16.13 -9.99
C PHE A 218 -2.39 16.54 -9.54
N ARG A 219 -3.32 16.53 -10.48
CA ARG A 219 -4.72 16.79 -10.18
C ARG A 219 -5.62 15.60 -10.51
N ARG A 220 -6.39 15.13 -9.54
CA ARG A 220 -7.35 14.06 -9.80
C ARG A 220 -8.63 14.61 -10.46
N GLY A 221 -9.07 15.76 -9.98
CA GLY A 221 -10.31 16.34 -10.44
C GLY A 221 -10.52 17.67 -9.75
N LEU A 222 -11.67 18.28 -9.97
CA LEU A 222 -11.91 19.61 -9.42
C LEU A 222 -12.65 19.57 -8.06
N ASP A 223 -13.64 18.70 -7.97
CA ASP A 223 -14.40 18.50 -6.74
C ASP A 223 -13.61 17.76 -5.65
N ARG A 224 -14.23 17.56 -4.49
CA ARG A 224 -13.57 16.89 -3.38
C ARG A 224 -13.97 15.43 -3.34
N THR A 225 -13.00 14.56 -3.13
CA THR A 225 -13.28 13.14 -2.86
C THR A 225 -12.37 12.62 -1.75
N SER A 226 -12.64 11.41 -1.28
CA SER A 226 -11.68 10.74 -0.44
C SER A 226 -11.05 9.61 -1.24
N ILE A 227 -9.72 9.53 -1.22
CA ILE A 227 -9.05 8.52 -2.01
C ILE A 227 -9.13 7.16 -1.30
N ILE A 228 -9.56 6.13 -2.02
CA ILE A 228 -9.61 4.79 -1.47
C ILE A 228 -8.24 4.11 -1.48
N ASP A 229 -7.60 4.10 -2.65
CA ASP A 229 -6.28 3.48 -2.78
C ASP A 229 -5.40 4.17 -3.83
N MET A 230 -4.09 3.99 -3.65
CA MET A 230 -3.10 4.42 -4.60
C MET A 230 -2.07 3.31 -4.70
N ARG A 231 -1.47 3.12 -5.88
CA ARG A 231 -0.33 2.20 -5.99
C ARG A 231 0.60 2.49 -7.15
N TRP A 232 1.89 2.17 -6.98
CA TRP A 232 2.86 2.39 -8.04
C TRP A 232 3.01 1.16 -8.94
N SER A 233 3.41 1.38 -10.18
CA SER A 233 3.74 0.30 -11.10
C SER A 233 5.12 -0.26 -10.75
N PRO A 234 5.38 -1.53 -11.11
CA PRO A 234 6.67 -2.10 -10.72
C PRO A 234 7.80 -1.19 -11.14
N ASP A 235 7.68 -0.71 -12.38
CA ASP A 235 8.43 0.39 -12.98
C ASP A 235 8.84 1.47 -12.02
N GLY A 236 7.86 2.02 -11.33
CA GLY A 236 8.06 3.22 -10.53
C GLY A 236 7.67 4.45 -11.30
N SER A 237 7.26 4.23 -12.55
CA SER A 237 7.01 5.31 -13.52
C SER A 237 5.60 5.86 -13.42
N LYS A 238 4.67 5.02 -12.96
CA LYS A 238 3.27 5.39 -12.96
C LYS A 238 2.60 5.15 -11.61
N LEU A 239 1.46 5.82 -11.43
CA LEU A 239 0.70 5.70 -10.20
C LEU A 239 -0.80 5.60 -10.46
N ALA A 240 -1.43 4.60 -9.88
CA ALA A 240 -2.87 4.41 -10.02
C ALA A 240 -3.54 4.97 -8.79
N VAL A 241 -4.77 5.44 -8.96
CA VAL A 241 -5.49 6.11 -7.89
C VAL A 241 -6.99 5.88 -8.06
N VAL A 242 -7.67 5.58 -6.94
CA VAL A 242 -9.10 5.39 -6.94
C VAL A 242 -9.78 6.22 -5.87
N SER A 243 -10.75 7.03 -6.30
CA SER A 243 -11.54 7.89 -5.44
C SER A 243 -12.84 7.19 -5.23
N ASP A 244 -13.56 7.56 -4.17
CA ASP A 244 -14.91 7.04 -3.90
C ASP A 244 -15.96 7.52 -4.93
N LYS A 245 -15.54 8.39 -5.86
CA LYS A 245 -16.33 8.75 -7.02
C LYS A 245 -16.28 7.57 -8.00
N TRP A 246 -15.46 6.59 -7.65
CA TRP A 246 -15.25 5.37 -8.43
C TRP A 246 -14.79 5.64 -9.86
N THR A 247 -13.67 6.37 -9.94
CA THR A 247 -12.94 6.54 -11.17
C THR A 247 -11.48 6.17 -10.89
N LEU A 248 -10.94 5.29 -11.73
CA LEU A 248 -9.55 4.89 -11.67
C LEU A 248 -8.68 5.89 -12.47
N HIS A 249 -7.65 6.43 -11.85
CA HIS A 249 -6.76 7.34 -12.56
C HIS A 249 -5.37 6.74 -12.62
N VAL A 250 -4.73 6.87 -13.79
CA VAL A 250 -3.29 6.62 -13.91
C VAL A 250 -2.54 7.91 -14.23
N PHE A 251 -1.44 8.15 -13.52
CA PHE A 251 -0.60 9.31 -13.74
C PHE A 251 0.77 8.89 -14.21
N GLU A 252 1.35 9.65 -15.15
CA GLU A 252 2.74 9.40 -15.54
C GLU A 252 3.70 10.27 -14.74
N VAL A 253 4.27 9.67 -13.70
CA VAL A 253 5.17 10.36 -12.80
C VAL A 253 6.50 10.68 -13.47
N PHE A 254 7.11 9.67 -14.09
CA PHE A 254 8.29 9.84 -14.92
C PHE A 254 8.12 9.11 -16.25
N ASN A 255 8.56 9.74 -17.35
CA ASN A 255 8.65 9.04 -18.63
C ASN A 255 9.92 8.20 -18.72
N ASP A 256 10.17 7.55 -19.85
CA ASP A 256 11.33 6.68 -19.92
C ASP A 256 12.64 7.38 -19.52
N ALA A 257 12.96 8.49 -20.17
CA ALA A 257 14.21 9.19 -19.91
C ALA A 257 14.32 9.64 -18.45
N GLU A 258 13.26 10.28 -17.97
CA GLU A 258 13.20 10.75 -16.59
C GLU A 258 13.48 9.57 -15.63
N ASN A 259 13.02 8.39 -16.01
CA ASN A 259 13.09 7.24 -15.14
C ASN A 259 14.41 6.50 -15.19
N LYS A 260 14.93 6.28 -16.40
CA LYS A 260 16.20 5.58 -16.56
C LYS A 260 17.37 6.47 -16.13
N ARG A 261 17.06 7.72 -15.78
CA ARG A 261 18.05 8.67 -15.25
C ARG A 261 19.07 9.16 -16.29
N HIS A 262 18.58 9.48 -17.48
CA HIS A 262 19.44 10.05 -18.52
C HIS A 262 19.70 11.53 -18.28
N VAL A 263 20.28 12.21 -19.25
CA VAL A 263 20.68 13.58 -19.01
C VAL A 263 19.57 14.59 -19.29
N LEU A 264 18.99 14.58 -20.48
CA LEU A 264 17.95 15.58 -20.83
C LEU A 264 18.47 17.01 -20.90
N LYS A 265 18.93 17.47 -22.06
CA LYS A 265 19.25 18.89 -22.13
C LYS A 265 17.97 19.68 -22.24
N ASP A 266 18.06 20.96 -21.97
CA ASP A 266 16.87 21.79 -21.88
C ASP A 266 15.82 21.19 -20.95
N TRP A 267 16.29 20.47 -19.93
CA TRP A 267 15.46 20.11 -18.80
C TRP A 267 15.08 21.42 -18.14
N ILE A 268 16.09 22.26 -17.97
CA ILE A 268 15.97 23.55 -17.28
C ILE A 268 14.93 24.44 -17.93
N ASN A 269 15.15 24.74 -19.21
CA ASN A 269 14.23 25.56 -19.97
C ASN A 269 12.77 25.59 -19.49
N ILE A 270 12.45 26.70 -18.82
CA ILE A 270 11.09 27.25 -18.66
C ILE A 270 9.92 26.33 -19.03
N GLU A 276 -0.81 19.09 -13.43
CA GLU A 276 -0.76 18.00 -14.44
C GLU A 276 -1.76 16.87 -14.15
N TRP A 277 -2.30 16.27 -15.21
CA TRP A 277 -3.45 15.36 -15.10
C TRP A 277 -3.17 13.89 -15.38
N SER A 278 -4.17 13.05 -15.07
CA SER A 278 -4.05 11.64 -15.36
C SER A 278 -3.79 11.51 -16.87
N ILE A 279 -2.99 10.52 -17.27
CA ILE A 279 -2.76 10.21 -18.68
C ILE A 279 -3.96 9.46 -19.22
N CYS A 280 -4.67 8.80 -18.31
CA CYS A 280 -5.95 8.20 -18.64
C CYS A 280 -6.73 7.81 -17.39
N ASN A 281 -8.03 7.63 -17.57
CA ASN A 281 -8.90 7.29 -16.46
C ASN A 281 -9.97 6.30 -16.89
N PHE A 282 -10.72 5.76 -15.94
CA PHE A 282 -11.74 4.77 -16.26
C PHE A 282 -12.87 4.79 -15.23
N LYS A 283 -14.12 4.82 -15.71
CA LYS A 283 -15.27 4.86 -14.80
C LYS A 283 -15.64 3.43 -14.39
N LEU A 284 -15.76 3.20 -13.09
CA LEU A 284 -15.84 1.83 -12.55
C LEU A 284 -17.26 1.30 -12.36
N LYS A 285 -17.39 -0.02 -12.40
CA LYS A 285 -18.67 -0.72 -12.21
C LYS A 285 -18.86 -1.20 -10.78
N VAL A 286 -19.81 -0.58 -10.09
CA VAL A 286 -19.86 -0.57 -8.63
C VAL A 286 -21.27 -0.72 -8.04
N SER A 287 -21.36 -1.31 -6.85
CA SER A 287 -22.63 -1.45 -6.15
C SER A 287 -22.53 -1.04 -4.67
N ASN A 291 -18.07 0.39 -1.85
CA ASN A 291 -17.56 0.98 -0.59
C ASN A 291 -16.02 0.97 -0.23
N ASP A 292 -15.25 -0.06 -0.60
CA ASP A 292 -13.76 -0.06 -0.41
C ASP A 292 -13.06 -1.00 -1.41
N CYS A 293 -11.77 -0.78 -1.66
CA CYS A 293 -11.00 -1.68 -2.54
C CYS A 293 -9.48 -1.55 -2.43
N LYS A 294 -8.76 -2.38 -3.19
CA LYS A 294 -7.30 -2.25 -3.32
C LYS A 294 -6.81 -2.55 -4.74
N ILE A 295 -5.75 -1.85 -5.13
CA ILE A 295 -5.20 -1.97 -6.49
C ILE A 295 -3.88 -2.70 -6.48
N ALA A 296 -3.73 -3.63 -7.42
CA ALA A 296 -2.45 -4.29 -7.64
C ALA A 296 -1.99 -4.10 -9.08
N TRP A 297 -0.68 -3.92 -9.25
CA TRP A 297 -0.11 -3.96 -10.58
C TRP A 297 0.42 -5.36 -10.81
N ILE A 298 -0.24 -6.09 -11.70
CA ILE A 298 0.24 -7.41 -12.07
C ILE A 298 1.35 -7.35 -13.12
N SER A 299 1.54 -6.18 -13.71
CA SER A 299 2.59 -5.99 -14.71
C SER A 299 2.71 -4.52 -14.99
N ASP A 300 3.64 -4.12 -15.87
CA ASP A 300 3.85 -2.70 -16.12
C ASP A 300 2.78 -2.06 -17.00
N THR A 301 1.75 -2.84 -17.35
CA THR A 301 0.64 -2.39 -18.18
C THR A 301 -0.68 -3.07 -17.80
N GLY A 302 -0.67 -3.82 -16.71
CA GLY A 302 -1.87 -4.45 -16.20
C GLY A 302 -2.11 -4.16 -14.74
N LEU A 303 -3.38 -4.02 -14.37
CA LEU A 303 -3.79 -3.79 -12.98
C LEU A 303 -4.92 -4.70 -12.56
N VAL A 304 -5.04 -4.94 -11.26
CA VAL A 304 -6.21 -5.64 -10.75
C VAL A 304 -6.81 -4.88 -9.60
N ILE A 305 -8.12 -4.71 -9.64
CA ILE A 305 -8.82 -4.12 -8.51
C ILE A 305 -9.59 -5.18 -7.76
N VAL A 306 -9.47 -5.15 -6.44
CA VAL A 306 -10.16 -6.13 -5.61
C VAL A 306 -11.26 -5.47 -4.81
N TRP A 307 -12.42 -6.10 -4.80
CA TRP A 307 -13.56 -5.63 -4.04
C TRP A 307 -13.94 -6.70 -3.01
N PRO A 308 -13.78 -6.37 -1.71
CA PRO A 308 -14.05 -7.25 -0.57
C PRO A 308 -15.51 -7.73 -0.54
N ASN A 309 -16.46 -6.81 -0.49
CA ASN A 309 -17.89 -7.13 -0.46
C ASN A 309 -18.41 -8.07 -1.55
N ARG A 310 -17.88 -7.95 -2.76
CA ARG A 310 -18.34 -8.81 -3.85
C ARG A 310 -17.37 -9.95 -4.08
N ARG A 311 -16.28 -9.97 -3.31
CA ARG A 311 -15.26 -11.01 -3.46
C ARG A 311 -14.91 -11.18 -4.95
N LEU A 312 -14.51 -10.06 -5.56
CA LEU A 312 -14.47 -9.96 -7.02
C LEU A 312 -13.19 -9.26 -7.47
N ALA A 313 -12.58 -9.75 -8.54
CA ALA A 313 -11.31 -9.18 -9.00
C ALA A 313 -11.32 -8.71 -10.46
N ASP A 314 -11.46 -7.39 -10.62
CA ASP A 314 -11.42 -6.73 -11.93
C ASP A 314 -10.01 -6.62 -12.47
N THR A 315 -9.83 -7.06 -13.72
CA THR A 315 -8.53 -6.85 -14.36
C THR A 315 -8.59 -5.88 -15.57
N PHE A 316 -7.65 -4.94 -15.58
CA PHE A 316 -7.63 -3.84 -16.53
C PHE A 316 -6.38 -3.89 -17.38
N LYS A 317 -6.52 -3.61 -18.67
CA LYS A 317 -5.34 -3.47 -19.55
C LYS A 317 -5.02 -2.00 -19.76
N LEU A 318 -3.72 -1.69 -19.82
CA LEU A 318 -3.28 -0.31 -20.04
C LEU A 318 -2.67 -0.17 -21.42
N ASN A 319 -3.42 0.47 -22.30
CA ASN A 319 -3.06 0.52 -23.70
C ASN A 319 -2.34 1.78 -24.08
N TYR A 320 -1.57 1.70 -25.17
CA TYR A 320 -0.80 2.83 -25.62
C TYR A 320 -0.69 2.90 -27.15
N ASN A 321 -1.11 4.03 -27.68
CA ASN A 321 -0.97 4.34 -29.09
C ASN A 321 0.27 5.20 -29.21
N ASP A 322 1.27 4.71 -29.93
CA ASP A 322 2.53 5.45 -30.05
C ASP A 322 2.55 6.38 -31.27
N ASP A 323 1.56 6.25 -32.15
CA ASP A 323 1.44 7.21 -33.25
C ASP A 323 1.03 8.56 -32.68
N GLU A 324 -0.22 8.69 -32.22
CA GLU A 324 -0.52 9.75 -31.26
C GLU A 324 0.27 9.32 -30.04
N HIS A 325 0.36 10.13 -29.01
CA HIS A 325 1.03 9.56 -27.84
C HIS A 325 0.04 9.54 -26.68
N VAL A 326 -0.79 8.50 -26.64
CA VAL A 326 -2.00 8.50 -25.83
C VAL A 326 -2.30 7.13 -25.19
N TRP A 327 -2.97 7.16 -24.03
CA TRP A 327 -3.23 5.96 -23.25
C TRP A 327 -4.72 5.76 -22.99
N TRP A 328 -5.18 4.50 -23.03
CA TRP A 328 -6.54 4.18 -22.60
C TRP A 328 -6.60 2.88 -21.81
N LEU A 329 -7.56 2.81 -20.92
CA LEU A 329 -7.74 1.62 -20.09
C LEU A 329 -8.93 0.81 -20.60
N GLN A 330 -8.81 -0.51 -20.59
CA GLN A 330 -10.00 -1.34 -20.72
C GLN A 330 -10.05 -2.41 -19.64
N LEU A 331 -11.25 -2.95 -19.44
CA LEU A 331 -11.51 -3.92 -18.41
C LEU A 331 -11.65 -5.31 -19.04
N ASN A 332 -10.57 -6.09 -19.00
CA ASN A 332 -10.49 -7.39 -19.67
C ASN A 332 -11.45 -8.42 -19.14
N GLN A 333 -11.63 -8.40 -17.82
CA GLN A 333 -12.06 -9.58 -17.10
C GLN A 333 -12.51 -9.30 -15.68
N ARG A 334 -13.58 -9.99 -15.28
CA ARG A 334 -14.03 -10.06 -13.90
C ARG A 334 -14.11 -11.52 -13.45
N ASN A 335 -13.39 -11.86 -12.39
CA ASN A 335 -13.46 -13.20 -11.84
C ASN A 335 -13.90 -13.14 -10.38
N GLU A 336 -14.80 -14.03 -9.99
CA GLU A 336 -15.19 -14.14 -8.60
C GLU A 336 -14.01 -14.72 -7.86
N ILE A 337 -13.82 -14.30 -6.61
CA ILE A 337 -12.79 -14.90 -5.75
C ILE A 337 -13.40 -16.09 -5.01
N PRO A 338 -12.92 -17.31 -5.31
CA PRO A 338 -13.44 -18.55 -4.72
C PRO A 338 -13.41 -18.57 -3.17
N LEU A 339 -14.42 -17.94 -2.56
CA LEU A 339 -14.51 -17.68 -1.10
C LEU A 339 -13.84 -16.36 -0.70
S SO4 B . -4.12 20.37 0.12
O1 SO4 B . -4.43 20.01 1.51
O2 SO4 B . -2.73 20.86 0.06
O3 SO4 B . -4.34 19.21 -0.75
O4 SO4 B . -5.06 21.42 -0.33
S SO4 C . -13.20 12.13 -10.97
O1 SO4 C . -14.42 11.34 -11.12
O2 SO4 C . -12.23 11.38 -10.16
O3 SO4 C . -12.65 12.43 -12.30
O4 SO4 C . -13.51 13.42 -10.34
S SO4 D . 12.68 -7.37 3.52
O1 SO4 D . 14.01 -7.56 4.09
O2 SO4 D . 11.65 -7.53 4.53
O3 SO4 D . 12.53 -6.01 2.98
O4 SO4 D . 12.48 -8.38 2.47
#